data_6HYY
#
_entry.id   6HYY
#
_cell.length_a   49.140
_cell.length_b   129.140
_cell.length_c   155.790
_cell.angle_alpha   90.000
_cell.angle_beta   90.000
_cell.angle_gamma   90.000
#
_symmetry.space_group_name_H-M   'C 2 2 21'
#
loop_
_entity.id
_entity.type
_entity.pdbx_description
1 polymer 'Phosphoserine phosphatase'
2 non-polymer 'PHOSPHATE ION'
3 non-polymer 'MAGNESIUM ION'
4 non-polymer SERINE
5 non-polymer 'CALCIUM ION'
6 water water
#
_entity_poly.entity_id   1
_entity_poly.type   'polypeptide(L)'
_entity_poly.pdbx_seq_one_letter_code
;SELRKLFYSADAVCFDVDSTVIREEGIDELAKICGVEDAVSEMTRRAMGGAVPFKAALTERLALIQPSREQVQRLIAEQP
PHLTPGIRELVSRLQERNVQVFLISGGFRSIVEHVASKLNIPATNVFANRLKFYFNGEYAGFDETQPTAESGGKGKVIKL
LKEKFHFKKIIMIGDGATDMEACPPADAFIGFGGNVIRQQVKDNAKWYITDFVELLGELEE
;
_entity_poly.pdbx_strand_id   A,B
#
# COMPACT_ATOMS: atom_id res chain seq x y z
N SER A 1 8.95 -27.44 14.06
CA SER A 1 9.91 -28.48 13.71
C SER A 1 10.16 -28.54 12.21
N GLU A 2 9.09 -28.35 11.42
CA GLU A 2 9.26 -28.23 9.98
C GLU A 2 10.09 -27.00 9.64
N LEU A 3 9.91 -25.91 10.40
CA LEU A 3 10.77 -24.75 10.26
C LEU A 3 12.22 -25.10 10.55
N ARG A 4 12.46 -25.84 11.64
CA ARG A 4 13.83 -26.20 11.99
C ARG A 4 14.44 -27.14 10.97
N LYS A 5 13.65 -28.06 10.42
CA LYS A 5 14.14 -28.91 9.34
C LYS A 5 14.61 -28.07 8.16
N LEU A 6 13.80 -27.10 7.75
CA LEU A 6 14.22 -26.17 6.69
C LEU A 6 15.49 -25.44 7.09
N PHE A 7 15.50 -24.86 8.29
CA PHE A 7 16.63 -24.05 8.71
C PHE A 7 17.92 -24.85 8.72
N TYR A 8 17.85 -26.13 9.12
CA TYR A 8 19.03 -26.97 9.23
C TYR A 8 19.49 -27.54 7.90
N SER A 9 18.71 -27.40 6.84
CA SER A 9 19.12 -27.82 5.51
C SER A 9 19.90 -26.74 4.77
N ALA A 10 20.01 -25.54 5.32
CA ALA A 10 20.66 -24.43 4.62
C ALA A 10 22.17 -24.54 4.73
N ASP A 11 22.88 -24.25 3.64
CA ASP A 11 24.32 -24.06 3.79
C ASP A 11 24.74 -22.59 3.78
N ALA A 12 23.82 -21.66 3.52
CA ALA A 12 24.11 -20.25 3.69
C ALA A 12 22.84 -19.55 4.16
N VAL A 13 23.00 -18.60 5.08
CA VAL A 13 21.88 -17.80 5.57
C VAL A 13 22.27 -16.34 5.41
N CYS A 14 21.42 -15.57 4.75
CA CYS A 14 21.62 -14.14 4.58
C CYS A 14 20.62 -13.41 5.45
N PHE A 15 21.12 -12.50 6.29
CA PHE A 15 20.28 -11.69 7.16
C PHE A 15 20.21 -10.27 6.63
N ASP A 16 19.00 -9.74 6.54
CA ASP A 16 18.78 -8.30 6.52
C ASP A 16 19.31 -7.69 7.81
N VAL A 17 19.85 -6.48 7.73
CA VAL A 17 20.37 -5.82 8.93
C VAL A 17 19.30 -4.97 9.64
N ASP A 18 18.82 -3.90 8.99
CA ASP A 18 17.94 -2.95 9.69
C ASP A 18 16.62 -3.61 10.11
N SER A 19 16.31 -3.51 11.40
CA SER A 19 15.14 -4.06 12.05
C SER A 19 15.12 -5.58 12.09
N THR A 20 16.19 -6.24 11.65
CA THR A 20 16.31 -7.69 11.77
C THR A 20 17.49 -8.04 12.67
N VAL A 21 18.72 -7.88 12.21
CA VAL A 21 19.89 -8.15 13.05
C VAL A 21 20.05 -7.06 14.11
N ILE A 22 19.72 -5.82 13.77
CA ILE A 22 19.72 -4.73 14.74
C ILE A 22 18.29 -4.21 14.92
N ARG A 23 18.07 -3.52 16.04
CA ARG A 23 16.71 -3.07 16.37
C ARG A 23 16.29 -1.87 15.54
N GLU A 24 17.24 -1.06 15.12
CA GLU A 24 17.03 0.24 14.50
C GLU A 24 17.24 0.17 12.99
N GLU A 25 16.98 1.29 12.32
CA GLU A 25 17.37 1.46 10.92
C GLU A 25 18.60 2.35 10.90
N GLY A 26 19.69 1.86 10.31
CA GLY A 26 20.96 2.55 10.41
C GLY A 26 20.90 3.97 9.86
N ILE A 27 20.26 4.15 8.71
CA ILE A 27 20.20 5.48 8.10
C ILE A 27 19.42 6.44 9.00
N ASP A 28 18.39 5.96 9.70
CA ASP A 28 17.65 6.81 10.63
C ASP A 28 18.50 7.18 11.84
N GLU A 29 19.29 6.23 12.33
CA GLU A 29 20.16 6.53 13.47
C GLU A 29 21.26 7.50 13.08
N LEU A 30 21.77 7.39 11.86
CA LEU A 30 22.73 8.37 11.36
C LEU A 30 22.08 9.74 11.26
N ALA A 31 20.84 9.80 10.77
CA ALA A 31 20.12 11.06 10.70
C ALA A 31 19.92 11.66 12.08
N LYS A 32 19.72 10.81 13.10
CA LYS A 32 19.61 11.29 14.48
C LYS A 32 20.90 11.98 14.91
N ILE A 33 22.02 11.28 14.75
CA ILE A 33 23.35 11.84 15.05
C ILE A 33 23.58 13.16 14.35
N CYS A 34 23.03 13.30 13.13
CA CYS A 34 23.24 14.49 12.31
C CYS A 34 22.11 15.50 12.42
N GLY A 35 21.08 15.23 13.23
CA GLY A 35 20.04 16.20 13.53
C GLY A 35 18.87 16.29 12.57
N VAL A 36 18.63 15.29 11.72
CA VAL A 36 17.56 15.37 10.74
C VAL A 36 16.70 14.11 10.81
N GLU A 37 16.54 13.60 12.02
CA GLU A 37 15.83 12.33 12.28
C GLU A 37 14.43 12.32 11.65
N ASP A 38 13.63 13.36 11.91
CA ASP A 38 12.23 13.33 11.53
C ASP A 38 12.06 13.19 10.02
N ALA A 39 12.71 14.07 9.26
CA ALA A 39 12.59 14.03 7.81
C ALA A 39 13.06 12.70 7.24
N VAL A 40 14.19 12.20 7.71
CA VAL A 40 14.76 10.99 7.11
C VAL A 40 13.96 9.76 7.50
N SER A 41 13.53 9.66 8.77
CA SER A 41 12.72 8.53 9.19
C SER A 41 11.44 8.43 8.37
N GLU A 42 10.84 9.57 8.04
CA GLU A 42 9.66 9.56 7.17
C GLU A 42 10.00 9.08 5.77
N MET A 43 11.10 9.56 5.20
CA MET A 43 11.51 9.10 3.87
C MET A 43 11.82 7.61 3.87
N THR A 44 12.35 7.10 4.97
CA THR A 44 12.64 5.67 5.05
C THR A 44 11.35 4.84 5.00
N ARG A 45 10.35 5.26 5.77
CA ARG A 45 9.03 4.63 5.69
C ARG A 45 8.47 4.75 4.28
N ARG A 46 8.68 5.90 3.64
CA ARG A 46 8.16 6.15 2.30
C ARG A 46 8.74 5.19 1.28
N ALA A 47 9.99 4.77 1.46
CA ALA A 47 10.67 3.92 0.48
C ALA A 47 10.41 2.44 0.68
N MET A 48 9.67 2.06 1.72
CA MET A 48 9.46 0.65 2.02
C MET A 48 8.85 -0.09 0.83
N GLY A 49 9.27 -1.34 0.65
CA GLY A 49 8.89 -2.08 -0.53
C GLY A 49 9.51 -1.46 -1.76
N GLY A 50 8.88 -1.70 -2.91
CA GLY A 50 9.32 -1.07 -4.13
C GLY A 50 8.67 0.27 -4.37
N ALA A 51 8.14 0.88 -3.30
CA ALA A 51 7.27 2.04 -3.44
C ALA A 51 7.91 3.14 -4.28
N VAL A 52 9.09 3.59 -3.88
CA VAL A 52 9.85 4.56 -4.67
C VAL A 52 11.19 3.93 -5.03
N PRO A 53 11.82 4.32 -6.13
CA PRO A 53 13.11 3.72 -6.51
C PRO A 53 14.14 3.96 -5.40
N PHE A 54 14.86 2.88 -5.05
CA PHE A 54 15.70 2.94 -3.85
C PHE A 54 16.85 3.92 -4.01
N LYS A 55 17.52 3.92 -5.17
CA LYS A 55 18.69 4.78 -5.35
C LYS A 55 18.31 6.24 -5.17
N ALA A 56 17.18 6.66 -5.75
CA ALA A 56 16.69 8.02 -5.56
C ALA A 56 16.38 8.30 -4.10
N ALA A 57 15.69 7.37 -3.42
CA ALA A 57 15.35 7.57 -2.01
C ALA A 57 16.60 7.66 -1.15
N LEU A 58 17.64 6.88 -1.49
CA LEU A 58 18.89 6.95 -0.75
C LEU A 58 19.59 8.29 -0.97
N THR A 59 19.67 8.73 -2.23
CA THR A 59 20.30 10.01 -2.54
C THR A 59 19.63 11.15 -1.77
N GLU A 60 18.29 11.16 -1.77
CA GLU A 60 17.57 12.27 -1.14
C GLU A 60 17.76 12.28 0.37
N ARG A 61 17.78 11.11 1.01
CA ARG A 61 17.99 11.10 2.46
C ARG A 61 19.40 11.55 2.80
N LEU A 62 20.40 11.07 2.05
CA LEU A 62 21.77 11.48 2.31
C LEU A 62 21.97 12.97 2.00
N ALA A 63 21.23 13.50 1.03
CA ALA A 63 21.31 14.93 0.76
C ALA A 63 20.86 15.76 1.96
N LEU A 64 19.91 15.26 2.75
CA LEU A 64 19.54 15.95 3.98
C LEU A 64 20.53 15.69 5.11
N ILE A 65 21.12 14.49 5.15
CA ILE A 65 21.99 14.14 6.26
C ILE A 65 23.37 14.76 6.09
N GLN A 66 23.96 14.64 4.90
CA GLN A 66 25.32 15.08 4.64
C GLN A 66 26.31 14.58 5.70
N PRO A 67 26.39 13.27 5.92
CA PRO A 67 27.15 12.77 7.06
C PRO A 67 28.65 12.91 6.84
N SER A 68 29.32 13.50 7.82
CA SER A 68 30.77 13.56 7.74
C SER A 68 31.36 12.25 8.27
N ARG A 69 32.62 11.99 7.91
CA ARG A 69 33.27 10.79 8.41
C ARG A 69 33.32 10.79 9.93
N GLU A 70 33.60 11.95 10.53
CA GLU A 70 33.61 12.04 11.99
C GLU A 70 32.24 11.75 12.59
N GLN A 71 31.16 12.13 11.92
CA GLN A 71 29.83 11.84 12.45
C GLN A 71 29.53 10.35 12.34
N VAL A 72 29.96 9.71 11.26
CA VAL A 72 29.78 8.26 11.18
C VAL A 72 30.60 7.58 12.26
N GLN A 73 31.83 8.04 12.47
CA GLN A 73 32.67 7.49 13.53
C GLN A 73 32.01 7.66 14.90
N ARG A 74 31.37 8.81 15.12
CA ARG A 74 30.78 9.05 16.43
C ARG A 74 29.55 8.20 16.64
N LEU A 75 28.76 7.97 15.59
CA LEU A 75 27.65 7.03 15.68
C LEU A 75 28.15 5.67 16.14
N ILE A 76 29.19 5.14 15.48
CA ILE A 76 29.69 3.81 15.83
C ILE A 76 30.22 3.79 17.26
N ALA A 77 30.89 4.86 17.68
CA ALA A 77 31.54 4.86 18.99
C ALA A 77 30.55 5.15 20.11
N GLU A 78 29.71 6.18 19.96
CA GLU A 78 28.88 6.66 21.05
C GLU A 78 27.45 6.14 21.01
N GLN A 79 26.91 5.79 19.84
CA GLN A 79 25.54 5.30 19.75
C GLN A 79 25.50 4.10 18.82
N PRO A 80 26.24 3.03 19.15
CA PRO A 80 26.24 1.86 18.27
C PRO A 80 24.86 1.23 18.20
N PRO A 81 24.51 0.63 17.07
CA PRO A 81 23.19 -0.01 16.98
C PRO A 81 23.11 -1.21 17.91
N HIS A 82 21.89 -1.46 18.39
CA HIS A 82 21.65 -2.55 19.32
C HIS A 82 21.31 -3.82 18.56
N LEU A 83 22.04 -4.89 18.86
CA LEU A 83 21.69 -6.18 18.27
C LEU A 83 20.38 -6.70 18.85
N THR A 84 19.58 -7.27 17.98
CA THR A 84 18.31 -7.86 18.38
C THR A 84 18.57 -9.04 19.30
N PRO A 85 17.80 -9.20 20.37
CA PRO A 85 17.97 -10.37 21.25
C PRO A 85 17.96 -11.68 20.48
N GLY A 86 18.91 -12.55 20.81
CA GLY A 86 19.01 -13.84 20.20
C GLY A 86 19.90 -13.94 18.98
N ILE A 87 20.23 -12.81 18.33
CA ILE A 87 20.98 -12.94 17.08
C ILE A 87 22.43 -13.40 17.32
N ARG A 88 23.07 -12.99 18.42
CA ARG A 88 24.42 -13.47 18.69
C ARG A 88 24.44 -15.00 18.83
N GLU A 89 23.52 -15.55 19.62
CA GLU A 89 23.46 -16.99 19.82
C GLU A 89 23.14 -17.71 18.51
N LEU A 90 22.20 -17.17 17.74
CA LEU A 90 21.81 -17.81 16.47
C LEU A 90 22.98 -17.84 15.48
N VAL A 91 23.66 -16.70 15.28
CA VAL A 91 24.80 -16.72 14.37
C VAL A 91 25.87 -17.66 14.88
N SER A 92 26.08 -17.70 16.20
CA SER A 92 27.06 -18.62 16.77
C SER A 92 26.72 -20.06 16.45
N ARG A 93 25.45 -20.46 16.62
CA ARG A 93 25.07 -21.84 16.30
C ARG A 93 25.20 -22.14 14.82
N LEU A 94 24.87 -21.17 13.95
CA LEU A 94 25.02 -21.40 12.53
C LEU A 94 26.49 -21.60 12.16
N GLN A 95 27.36 -20.75 12.69
CA GLN A 95 28.78 -20.85 12.37
C GLN A 95 29.38 -22.13 12.94
N GLU A 96 28.88 -22.61 14.08
CA GLU A 96 29.36 -23.86 14.64
C GLU A 96 29.01 -25.06 13.76
N ARG A 97 27.97 -24.96 12.93
CA ARG A 97 27.63 -25.98 11.96
C ARG A 97 28.15 -25.65 10.57
N ASN A 98 29.05 -24.68 10.46
CA ASN A 98 29.69 -24.27 9.22
C ASN A 98 28.71 -23.71 8.19
N VAL A 99 27.54 -23.23 8.61
CA VAL A 99 26.69 -22.49 7.69
C VAL A 99 27.33 -21.13 7.44
N GLN A 100 27.42 -20.73 6.16
CA GLN A 100 28.00 -19.43 5.79
C GLN A 100 26.97 -18.33 6.04
N VAL A 101 27.32 -17.35 6.86
CA VAL A 101 26.37 -16.30 7.28
C VAL A 101 26.77 -14.98 6.65
N PHE A 102 25.79 -14.27 6.07
CA PHE A 102 26.02 -13.03 5.36
C PHE A 102 25.10 -11.97 5.92
N LEU A 103 25.53 -10.72 5.82
CA LEU A 103 24.70 -9.57 6.14
C LEU A 103 24.47 -8.77 4.87
N ILE A 104 23.22 -8.43 4.59
CA ILE A 104 22.87 -7.64 3.40
C ILE A 104 22.08 -6.42 3.86
N SER A 105 22.48 -5.25 3.38
CA SER A 105 21.83 -4.05 3.87
C SER A 105 21.84 -2.95 2.81
N GLY A 106 20.75 -2.18 2.78
CA GLY A 106 20.74 -0.88 2.11
C GLY A 106 21.38 0.23 2.91
N GLY A 107 21.76 -0.05 4.15
CA GLY A 107 22.59 0.84 4.95
C GLY A 107 24.04 0.79 4.50
N PHE A 108 24.92 1.14 5.44
CA PHE A 108 26.28 1.54 5.09
C PHE A 108 27.33 0.61 5.69
N ARG A 109 28.34 0.29 4.87
CA ARG A 109 29.37 -0.67 5.26
C ARG A 109 30.07 -0.27 6.54
N SER A 110 30.30 1.04 6.75
CA SER A 110 30.94 1.48 7.99
C SER A 110 30.21 0.91 9.20
N ILE A 111 28.90 1.08 9.23
CA ILE A 111 28.10 0.63 10.35
C ILE A 111 27.91 -0.88 10.31
N VAL A 112 27.64 -1.44 9.13
CA VAL A 112 27.35 -2.87 9.05
C VAL A 112 28.60 -3.71 9.36
N GLU A 113 29.79 -3.22 9.01
CA GLU A 113 31.00 -3.95 9.38
C GLU A 113 31.21 -3.96 10.89
N HIS A 114 30.82 -2.89 11.58
CA HIS A 114 30.83 -2.89 13.04
C HIS A 114 29.90 -3.98 13.59
N VAL A 115 28.69 -4.08 13.03
CA VAL A 115 27.75 -5.11 13.44
C VAL A 115 28.33 -6.49 13.16
N ALA A 116 28.86 -6.70 11.94
CA ALA A 116 29.45 -7.99 11.59
C ALA A 116 30.60 -8.35 12.52
N SER A 117 31.44 -7.37 12.84
CA SER A 117 32.45 -7.44 13.88
C SER A 117 31.87 -7.14 15.26
N LYS A 118 30.68 -7.65 15.51
CA LYS A 118 30.27 -8.12 16.81
C LYS A 118 29.81 -9.56 16.74
N LEU A 119 29.51 -10.06 15.54
CA LEU A 119 28.94 -11.38 15.30
C LEU A 119 29.94 -12.36 14.69
N ASN A 120 31.21 -11.99 14.63
CA ASN A 120 32.27 -12.82 14.03
C ASN A 120 31.98 -13.15 12.57
N ILE A 121 31.29 -12.24 11.88
CA ILE A 121 31.03 -12.36 10.46
C ILE A 121 32.12 -11.57 9.73
N PRO A 122 32.89 -12.21 8.85
CA PRO A 122 33.97 -11.50 8.18
C PRO A 122 33.44 -10.42 7.26
N ALA A 123 34.24 -9.37 7.08
CA ALA A 123 33.86 -8.27 6.20
C ALA A 123 33.60 -8.73 4.77
N THR A 124 34.22 -9.84 4.34
CA THR A 124 33.93 -10.41 3.02
C THR A 124 32.47 -10.82 2.87
N ASN A 125 31.77 -11.03 3.98
CA ASN A 125 30.41 -11.54 3.97
C ASN A 125 29.39 -10.43 4.20
N VAL A 126 29.83 -9.17 4.11
CA VAL A 126 28.99 -8.01 4.28
C VAL A 126 28.75 -7.37 2.93
N PHE A 127 27.49 -7.10 2.61
CA PHE A 127 27.11 -6.42 1.38
C PHE A 127 26.25 -5.23 1.79
N ALA A 128 26.74 -4.03 1.52
CA ALA A 128 26.04 -2.82 1.95
C ALA A 128 26.52 -1.66 1.09
N ASN A 129 25.86 -0.51 1.25
CA ASN A 129 26.27 0.66 0.51
C ASN A 129 27.52 1.27 1.13
N ARG A 130 28.27 2.02 0.31
CA ARG A 130 29.56 2.56 0.72
C ARG A 130 29.49 4.08 0.62
N LEU A 131 29.57 4.76 1.75
CA LEU A 131 29.64 6.21 1.74
C LEU A 131 30.99 6.69 1.24
N LYS A 132 30.99 7.86 0.59
CA LYS A 132 32.20 8.52 0.13
C LYS A 132 32.40 9.83 0.90
N PHE A 133 33.67 10.16 1.15
CA PHE A 133 34.04 11.34 1.89
C PHE A 133 35.19 12.06 1.17
N TYR A 134 35.19 13.38 1.27
CA TYR A 134 36.34 14.12 0.78
C TYR A 134 37.49 14.03 1.78
N PHE A 135 38.64 14.59 1.39
CA PHE A 135 39.84 14.48 2.20
C PHE A 135 39.60 15.00 3.63
N ASN A 136 38.80 16.07 3.75
CA ASN A 136 38.50 16.69 5.04
C ASN A 136 37.35 16.01 5.76
N GLY A 137 36.81 14.93 5.21
CA GLY A 137 35.76 14.18 5.86
C GLY A 137 34.35 14.51 5.41
N GLU A 138 34.17 15.56 4.61
CA GLU A 138 32.83 15.97 4.18
C GLU A 138 32.18 14.91 3.30
N TYR A 139 30.86 14.79 3.43
CA TYR A 139 30.10 13.83 2.65
C TYR A 139 30.30 14.07 1.15
N ALA A 140 30.65 13.01 0.42
CA ALA A 140 30.95 13.12 -1.00
C ALA A 140 30.09 12.20 -1.87
N GLY A 141 29.07 11.55 -1.32
CA GLY A 141 28.23 10.68 -2.13
C GLY A 141 28.27 9.22 -1.69
N PHE A 142 27.91 8.30 -2.58
CA PHE A 142 27.98 6.89 -2.24
C PHE A 142 28.26 6.08 -3.51
N ASP A 143 28.73 4.85 -3.32
CA ASP A 143 29.14 4.00 -4.45
C ASP A 143 27.89 3.49 -5.16
N GLU A 144 27.58 4.08 -6.32
CA GLU A 144 26.36 3.74 -7.02
C GLU A 144 26.46 2.42 -7.78
N THR A 145 27.64 1.80 -7.82
CA THR A 145 27.78 0.50 -8.46
C THR A 145 27.46 -0.67 -7.53
N GLN A 146 27.23 -0.44 -6.25
CA GLN A 146 26.92 -1.55 -5.35
C GLN A 146 25.54 -2.12 -5.69
N PRO A 147 25.37 -3.44 -5.64
CA PRO A 147 24.02 -3.97 -5.87
C PRO A 147 23.01 -3.46 -4.87
N THR A 148 23.44 -3.20 -3.64
CA THR A 148 22.53 -2.66 -2.62
C THR A 148 22.17 -1.20 -2.85
N ALA A 149 22.68 -0.55 -3.90
CA ALA A 149 22.29 0.83 -4.19
C ALA A 149 21.03 0.91 -5.05
N GLU A 150 20.58 -0.21 -5.60
CA GLU A 150 19.47 -0.29 -6.53
C GLU A 150 18.30 -1.06 -5.91
N SER A 151 17.11 -0.83 -6.45
CA SER A 151 15.96 -1.68 -6.12
C SER A 151 16.25 -3.11 -6.56
N GLY A 152 15.77 -4.07 -5.76
CA GLY A 152 16.09 -5.46 -6.00
C GLY A 152 17.49 -5.86 -5.63
N GLY A 153 18.22 -5.00 -4.91
CA GLY A 153 19.63 -5.27 -4.66
C GLY A 153 19.89 -6.52 -3.83
N LYS A 154 18.98 -6.86 -2.92
CA LYS A 154 19.23 -8.05 -2.10
C LYS A 154 19.22 -9.31 -2.95
N GLY A 155 18.30 -9.38 -3.93
CA GLY A 155 18.29 -10.53 -4.81
C GLY A 155 19.54 -10.58 -5.68
N LYS A 156 20.03 -9.41 -6.09
CA LYS A 156 21.26 -9.36 -6.87
C LYS A 156 22.44 -9.88 -6.06
N VAL A 157 22.50 -9.54 -4.77
CA VAL A 157 23.56 -10.06 -3.92
C VAL A 157 23.49 -11.58 -3.85
N ILE A 158 22.29 -12.13 -3.64
CA ILE A 158 22.15 -13.56 -3.50
C ILE A 158 22.54 -14.25 -4.80
N LYS A 159 22.17 -13.66 -5.95
CA LYS A 159 22.61 -14.21 -7.23
C LYS A 159 24.13 -14.22 -7.33
N LEU A 160 24.80 -13.14 -6.92
CA LEU A 160 26.25 -13.12 -6.93
C LEU A 160 26.81 -14.23 -6.05
N LEU A 161 26.21 -14.46 -4.88
CA LEU A 161 26.72 -15.50 -3.98
C LEU A 161 26.53 -16.89 -4.57
N LYS A 162 25.38 -17.11 -5.23
CA LYS A 162 25.15 -18.38 -5.90
C LYS A 162 26.19 -18.60 -6.99
N GLU A 163 26.53 -17.55 -7.74
CA GLU A 163 27.48 -17.75 -8.83
C GLU A 163 28.90 -17.93 -8.30
N LYS A 164 29.22 -17.31 -7.17
CA LYS A 164 30.59 -17.40 -6.69
C LYS A 164 30.87 -18.68 -5.91
N PHE A 165 29.91 -19.13 -5.09
CA PHE A 165 30.15 -20.24 -4.16
C PHE A 165 29.30 -21.46 -4.44
N HIS A 166 28.30 -21.35 -5.30
CA HIS A 166 27.41 -22.46 -5.69
C HIS A 166 26.71 -23.08 -4.48
N PHE A 167 26.21 -22.25 -3.56
CA PHE A 167 25.54 -22.83 -2.40
C PHE A 167 24.33 -23.65 -2.82
N LYS A 168 24.10 -24.76 -2.09
CA LYS A 168 22.93 -25.62 -2.36
C LYS A 168 21.63 -25.00 -1.91
N LYS A 169 21.62 -24.32 -0.77
CA LYS A 169 20.36 -23.89 -0.17
C LYS A 169 20.64 -22.62 0.62
N ILE A 170 20.26 -21.47 0.05
CA ILE A 170 20.42 -20.17 0.68
C ILE A 170 19.08 -19.71 1.23
N ILE A 171 19.04 -19.34 2.50
CA ILE A 171 17.83 -18.81 3.13
C ILE A 171 18.03 -17.32 3.37
N MET A 172 17.03 -16.53 3.00
CA MET A 172 16.99 -15.10 3.33
C MET A 172 16.11 -14.89 4.56
N ILE A 173 16.60 -14.09 5.52
CA ILE A 173 15.85 -13.77 6.75
C ILE A 173 15.75 -12.27 6.89
N GLY A 174 14.53 -11.77 7.00
CA GLY A 174 14.36 -10.33 7.13
C GLY A 174 12.94 -9.96 7.46
N ASP A 175 12.75 -8.67 7.77
CA ASP A 175 11.47 -8.19 8.25
C ASP A 175 10.58 -7.61 7.18
N GLY A 176 11.11 -7.26 6.00
CA GLY A 176 10.42 -6.40 5.07
C GLY A 176 10.09 -7.07 3.74
N ALA A 177 9.26 -6.37 2.96
CA ALA A 177 8.88 -6.93 1.66
C ALA A 177 10.07 -7.10 0.73
N THR A 178 11.08 -6.20 0.81
CA THR A 178 12.25 -6.36 -0.04
C THR A 178 13.02 -7.63 0.31
N ASP A 179 12.95 -8.09 1.56
CA ASP A 179 13.55 -9.36 1.92
C ASP A 179 12.75 -10.53 1.36
N MET A 180 11.43 -10.48 1.50
CA MET A 180 10.56 -11.51 0.95
C MET A 180 10.76 -11.63 -0.55
N GLU A 181 10.95 -10.51 -1.24
CA GLU A 181 11.12 -10.49 -2.69
C GLU A 181 12.51 -10.94 -3.14
N ALA A 182 13.42 -11.24 -2.22
CA ALA A 182 14.72 -11.81 -2.56
C ALA A 182 14.67 -13.33 -2.64
N CYS A 183 13.49 -13.92 -2.44
CA CYS A 183 13.25 -15.35 -2.66
C CYS A 183 12.17 -15.47 -3.73
N PRO A 184 12.54 -15.79 -4.99
CA PRO A 184 13.88 -16.07 -5.51
C PRO A 184 14.73 -14.82 -5.68
N PRO A 185 16.06 -14.97 -5.84
CA PRO A 185 16.81 -16.21 -6.04
C PRO A 185 17.15 -17.01 -4.78
N ALA A 186 16.89 -16.49 -3.58
CA ALA A 186 17.11 -17.33 -2.42
C ALA A 186 16.18 -18.55 -2.51
N ASP A 187 16.57 -19.63 -1.84
CA ASP A 187 15.79 -20.86 -1.90
C ASP A 187 14.65 -20.89 -0.90
N ALA A 188 14.72 -20.08 0.16
CA ALA A 188 13.62 -19.97 1.11
C ALA A 188 13.73 -18.60 1.77
N PHE A 189 12.63 -18.18 2.36
CA PHE A 189 12.56 -16.92 3.09
C PHE A 189 11.91 -17.17 4.45
N ILE A 190 12.51 -16.59 5.49
CA ILE A 190 11.90 -16.56 6.81
C ILE A 190 11.69 -15.10 7.21
N GLY A 191 10.43 -14.70 7.40
CA GLY A 191 10.15 -13.36 7.87
C GLY A 191 10.39 -13.22 9.36
N PHE A 192 10.77 -12.01 9.76
CA PHE A 192 11.13 -11.75 11.15
C PHE A 192 10.38 -10.55 11.70
N GLY A 193 9.66 -10.76 12.80
CA GLY A 193 8.85 -9.69 13.37
C GLY A 193 9.20 -9.34 14.80
N GLY A 194 10.41 -9.67 15.24
CA GLY A 194 10.79 -9.43 16.63
C GLY A 194 10.91 -7.97 17.00
N ASN A 195 11.19 -7.11 16.02
CA ASN A 195 11.31 -5.68 16.29
C ASN A 195 10.06 -4.92 15.90
N VAL A 196 9.65 -5.02 14.65
CA VAL A 196 8.36 -4.47 14.22
C VAL A 196 7.78 -5.47 13.23
N ILE A 197 6.51 -5.77 13.39
CA ILE A 197 5.86 -6.73 12.51
C ILE A 197 5.36 -5.97 11.29
N ARG A 198 5.82 -6.35 10.12
N ARG A 198 5.86 -6.33 10.12
CA ARG A 198 5.25 -5.82 8.89
CA ARG A 198 5.27 -5.87 8.88
C ARG A 198 4.17 -6.81 8.46
C ARG A 198 4.16 -6.86 8.54
N GLN A 199 2.90 -6.43 8.69
CA GLN A 199 1.81 -7.38 8.55
C GLN A 199 1.72 -7.99 7.16
N GLN A 200 2.09 -7.24 6.13
CA GLN A 200 2.00 -7.83 4.80
C GLN A 200 3.01 -8.96 4.63
N VAL A 201 4.13 -8.90 5.34
CA VAL A 201 5.07 -10.02 5.32
C VAL A 201 4.53 -11.18 6.15
N LYS A 202 4.02 -10.88 7.35
CA LYS A 202 3.47 -11.92 8.21
C LYS A 202 2.30 -12.65 7.55
N ASP A 203 1.48 -11.92 6.79
CA ASP A 203 0.30 -12.55 6.18
C ASP A 203 0.65 -13.44 4.99
N ASN A 204 1.79 -13.20 4.33
CA ASN A 204 2.07 -13.89 3.07
C ASN A 204 3.29 -14.79 3.08
N ALA A 205 4.15 -14.70 4.08
CA ALA A 205 5.32 -15.55 4.15
C ALA A 205 4.95 -16.95 4.60
N LYS A 206 5.55 -17.95 3.94
CA LYS A 206 5.34 -19.33 4.40
C LYS A 206 5.88 -19.51 5.81
N TRP A 207 7.04 -18.92 6.08
CA TRP A 207 7.74 -19.06 7.36
C TRP A 207 7.88 -17.69 7.99
N TYR A 208 7.52 -17.58 9.28
CA TYR A 208 7.56 -16.29 9.96
C TYR A 208 7.82 -16.54 11.44
N ILE A 209 8.76 -15.78 12.01
CA ILE A 209 9.07 -15.88 13.44
C ILE A 209 9.11 -14.48 14.05
N THR A 210 8.89 -14.41 15.36
CA THR A 210 9.00 -13.15 16.09
C THR A 210 10.09 -13.18 17.14
N ASP A 211 10.83 -14.27 17.27
CA ASP A 211 11.93 -14.33 18.22
C ASP A 211 12.95 -15.31 17.68
N PHE A 212 14.22 -14.90 17.64
CA PHE A 212 15.24 -15.77 17.09
C PHE A 212 15.37 -17.07 17.86
N VAL A 213 14.85 -17.13 19.09
CA VAL A 213 14.84 -18.39 19.85
C VAL A 213 14.14 -19.51 19.08
N GLU A 214 13.13 -19.16 18.26
CA GLU A 214 12.37 -20.21 17.58
C GLU A 214 13.24 -21.05 16.67
N LEU A 215 14.27 -20.45 16.07
CA LEU A 215 15.25 -21.24 15.33
C LEU A 215 16.24 -21.93 16.24
N LEU A 216 16.43 -21.39 17.46
CA LEU A 216 17.16 -22.01 18.56
C LEU A 216 16.32 -23.02 19.32
N GLY A 217 15.23 -23.50 18.72
CA GLY A 217 14.48 -24.60 19.30
C GLY A 217 14.93 -25.90 18.66
N GLU A 218 16.09 -26.40 19.09
CA GLU A 218 16.67 -27.58 18.46
C GLU A 218 17.09 -28.59 19.51
N LEU A 219 18.06 -28.22 20.33
CA LEU A 219 18.71 -29.05 21.32
C LEU A 219 19.27 -28.12 22.39
N GLU A 220 19.13 -26.81 22.15
CA GLU A 220 19.52 -25.71 23.03
C GLU A 220 20.86 -25.94 23.73
N GLU A 221 21.95 -25.69 23.03
CA GLU A 221 23.29 -25.70 23.62
C GLU A 221 24.08 -24.47 23.22
N SER B 1 4.80 14.48 -6.78
CA SER B 1 4.23 13.28 -7.38
C SER B 1 4.26 12.10 -6.42
N GLU B 2 4.90 11.01 -6.84
CA GLU B 2 4.80 9.67 -6.25
C GLU B 2 3.42 9.09 -6.58
N LEU B 3 2.47 9.98 -6.85
CA LEU B 3 1.16 9.57 -7.35
C LEU B 3 1.30 8.74 -8.62
N ARG B 4 2.27 9.07 -9.47
CA ARG B 4 2.44 8.36 -10.73
C ARG B 4 2.74 6.88 -10.50
N LYS B 5 3.68 6.59 -9.60
CA LYS B 5 4.02 5.20 -9.33
C LYS B 5 2.84 4.44 -8.72
N LEU B 6 2.00 5.12 -7.94
CA LEU B 6 0.84 4.45 -7.36
C LEU B 6 -0.12 3.99 -8.45
N PHE B 7 -0.29 4.79 -9.49
CA PHE B 7 -1.04 4.33 -10.66
C PHE B 7 -0.23 3.39 -11.55
N TYR B 8 1.06 3.25 -11.28
CA TYR B 8 1.91 2.27 -11.95
C TYR B 8 1.70 0.91 -11.31
N SER B 9 1.47 -0.11 -12.13
CA SER B 9 1.19 -1.47 -11.70
C SER B 9 -0.06 -1.57 -10.83
N ALA B 10 -0.86 -0.51 -10.75
CA ALA B 10 -2.25 -0.69 -10.32
C ALA B 10 -2.95 -1.59 -11.33
N ASP B 11 -3.64 -2.62 -10.86
CA ASP B 11 -4.34 -3.44 -11.83
C ASP B 11 -5.83 -3.19 -11.86
N ALA B 12 -6.36 -2.43 -10.91
CA ALA B 12 -7.77 -2.08 -10.93
C ALA B 12 -7.95 -0.72 -10.27
N VAL B 13 -8.82 0.10 -10.85
CA VAL B 13 -9.22 1.36 -10.24
C VAL B 13 -10.73 1.37 -10.16
N CYS B 14 -11.26 1.69 -8.97
CA CYS B 14 -12.69 1.79 -8.76
C CYS B 14 -13.05 3.23 -8.47
N PHE B 15 -14.02 3.77 -9.21
CA PHE B 15 -14.49 5.14 -9.02
C PHE B 15 -15.86 5.15 -8.38
N ASP B 16 -16.00 5.95 -7.33
CA ASP B 16 -17.29 6.45 -6.89
C ASP B 16 -17.96 7.24 -8.02
N VAL B 17 -19.29 7.26 -8.03
CA VAL B 17 -20.00 7.95 -9.10
C VAL B 17 -20.48 9.34 -8.66
N ASP B 18 -21.46 9.41 -7.74
CA ASP B 18 -22.01 10.70 -7.34
C ASP B 18 -20.92 11.61 -6.77
N SER B 19 -20.82 12.82 -7.34
CA SER B 19 -19.89 13.87 -6.96
C SER B 19 -18.45 13.54 -7.30
N THR B 20 -18.18 12.39 -7.91
CA THR B 20 -16.83 12.05 -8.36
C THR B 20 -16.77 11.94 -9.87
N VAL B 21 -17.30 10.87 -10.48
CA VAL B 21 -17.31 10.77 -11.93
C VAL B 21 -18.28 11.77 -12.54
N ILE B 22 -19.39 12.06 -11.87
CA ILE B 22 -20.35 13.07 -12.30
C ILE B 22 -20.38 14.19 -11.25
N ARG B 23 -20.82 15.37 -11.69
CA ARG B 23 -20.86 16.52 -10.79
C ARG B 23 -21.99 16.39 -9.78
N GLU B 24 -23.11 15.78 -10.19
CA GLU B 24 -24.33 15.69 -9.42
C GLU B 24 -24.37 14.42 -8.59
N GLU B 25 -25.43 14.29 -7.77
CA GLU B 25 -25.80 13.04 -7.13
C GLU B 25 -27.11 12.57 -7.75
N GLY B 26 -27.13 11.31 -8.20
CA GLY B 26 -28.27 10.83 -8.96
C GLY B 26 -29.57 10.90 -8.19
N ILE B 27 -29.55 10.55 -6.91
CA ILE B 27 -30.79 10.54 -6.14
C ILE B 27 -31.31 11.97 -5.95
N ASP B 28 -30.41 12.97 -5.92
CA ASP B 28 -30.88 14.35 -5.83
C ASP B 28 -31.47 14.81 -7.15
N GLU B 29 -30.82 14.47 -8.27
CA GLU B 29 -31.39 14.79 -9.57
C GLU B 29 -32.72 14.07 -9.77
N LEU B 30 -32.87 12.88 -9.19
CA LEU B 30 -34.14 12.18 -9.26
C LEU B 30 -35.21 12.92 -8.48
N ALA B 31 -34.87 13.37 -7.26
CA ALA B 31 -35.83 14.12 -6.47
C ALA B 31 -36.23 15.40 -7.18
N LYS B 32 -35.29 16.02 -7.90
CA LYS B 32 -35.60 17.21 -8.66
C LYS B 32 -36.60 16.92 -9.77
N ILE B 33 -36.34 15.89 -10.59
CA ILE B 33 -37.21 15.62 -11.73
C ILE B 33 -38.58 15.14 -11.27
N CYS B 34 -38.69 14.65 -10.04
CA CYS B 34 -39.97 14.24 -9.49
C CYS B 34 -40.65 15.35 -8.70
N GLY B 35 -40.09 16.56 -8.72
CA GLY B 35 -40.72 17.71 -8.10
C GLY B 35 -40.67 17.76 -6.60
N VAL B 36 -39.76 17.03 -5.96
CA VAL B 36 -39.73 16.92 -4.51
C VAL B 36 -38.38 17.38 -3.98
N GLU B 37 -37.72 18.27 -4.73
CA GLU B 37 -36.34 18.64 -4.45
C GLU B 37 -36.16 19.50 -3.21
N ASP B 38 -37.24 19.88 -2.51
CA ASP B 38 -37.12 20.67 -1.29
C ASP B 38 -37.76 20.03 -0.07
N ALA B 39 -38.74 19.13 -0.26
CA ALA B 39 -39.26 18.33 0.85
C ALA B 39 -38.17 17.44 1.42
N VAL B 40 -36.97 17.54 0.86
CA VAL B 40 -35.75 16.99 1.43
C VAL B 40 -35.30 17.87 2.60
N SER B 41 -36.26 18.56 3.22
CA SER B 41 -36.01 19.24 4.49
C SER B 41 -35.76 18.18 5.57
N GLU B 42 -34.71 17.39 5.37
CA GLU B 42 -34.44 16.21 6.17
C GLU B 42 -33.43 16.53 7.26
N MET B 43 -32.14 16.36 6.95
CA MET B 43 -31.06 16.44 7.93
C MET B 43 -31.42 15.69 9.21
N THR B 44 -31.73 14.40 9.04
CA THR B 44 -32.15 13.49 10.10
C THR B 44 -33.25 14.10 10.96
N ARG B 45 -34.39 14.36 10.32
CA ARG B 45 -35.59 14.80 11.02
C ARG B 45 -36.68 13.75 11.04
N ARG B 46 -36.80 12.93 9.98
CA ARG B 46 -37.70 11.79 9.99
C ARG B 46 -37.28 10.71 10.98
N ALA B 47 -36.09 10.84 11.57
CA ALA B 47 -35.60 9.89 12.58
C ALA B 47 -34.74 10.68 13.56
N MET B 48 -35.39 11.27 14.56
CA MET B 48 -34.71 12.07 15.58
C MET B 48 -34.19 11.16 16.70
N GLY B 49 -33.31 10.24 16.31
CA GLY B 49 -32.65 9.36 17.23
C GLY B 49 -31.15 9.37 17.02
N GLY B 50 -30.73 9.98 15.91
CA GLY B 50 -29.33 10.15 15.60
C GLY B 50 -28.67 8.99 14.89
N ALA B 51 -29.39 7.91 14.61
CA ALA B 51 -28.83 6.71 14.00
C ALA B 51 -29.65 6.36 12.77
N VAL B 52 -29.28 6.91 11.61
CA VAL B 52 -29.90 6.55 10.34
C VAL B 52 -28.98 5.58 9.61
N PRO B 53 -29.25 4.28 9.67
CA PRO B 53 -28.43 3.33 8.90
C PRO B 53 -28.57 3.60 7.40
N PHE B 54 -27.53 3.19 6.65
CA PHE B 54 -27.52 3.46 5.22
C PHE B 54 -28.75 2.87 4.53
N LYS B 55 -29.05 1.61 4.80
CA LYS B 55 -30.21 0.98 4.19
C LYS B 55 -31.50 1.67 4.61
N ALA B 56 -31.62 1.99 5.90
CA ALA B 56 -32.82 2.66 6.38
C ALA B 56 -32.96 4.06 5.78
N ALA B 57 -31.85 4.79 5.65
CA ALA B 57 -31.94 6.16 5.15
C ALA B 57 -32.26 6.19 3.67
N LEU B 58 -31.71 5.25 2.89
CA LEU B 58 -32.03 5.18 1.48
C LEU B 58 -33.51 4.86 1.25
N THR B 59 -34.06 3.96 2.07
CA THR B 59 -35.49 3.65 2.00
C THR B 59 -36.34 4.89 2.22
N GLU B 60 -36.06 5.64 3.29
CA GLU B 60 -36.85 6.83 3.58
C GLU B 60 -36.76 7.84 2.44
N ARG B 61 -35.55 8.08 1.93
CA ARG B 61 -35.40 9.07 0.87
C ARG B 61 -36.15 8.65 -0.39
N LEU B 62 -36.05 7.37 -0.75
CA LEU B 62 -36.77 6.91 -1.93
C LEU B 62 -38.27 6.90 -1.71
N ALA B 63 -38.71 6.65 -0.48
CA ALA B 63 -40.14 6.68 -0.18
C ALA B 63 -40.74 8.04 -0.49
N LEU B 64 -39.95 9.11 -0.35
CA LEU B 64 -40.47 10.45 -0.62
C LEU B 64 -40.37 10.81 -2.08
N ILE B 65 -39.44 10.22 -2.83
CA ILE B 65 -39.33 10.48 -4.25
C ILE B 65 -40.30 9.61 -5.04
N GLN B 66 -40.37 8.33 -4.70
CA GLN B 66 -41.11 7.30 -5.43
C GLN B 66 -40.97 7.45 -6.95
N PRO B 67 -39.76 7.35 -7.49
CA PRO B 67 -39.56 7.57 -8.93
C PRO B 67 -40.16 6.43 -9.74
N SER B 68 -40.93 6.79 -10.75
CA SER B 68 -41.43 5.82 -11.70
C SER B 68 -40.35 5.51 -12.74
N ARG B 69 -40.54 4.39 -13.43
CA ARG B 69 -39.60 4.05 -14.50
C ARG B 69 -39.54 5.15 -15.55
N GLU B 70 -40.70 5.73 -15.89
CA GLU B 70 -40.75 6.80 -16.88
C GLU B 70 -39.93 8.02 -16.44
N GLN B 71 -39.97 8.34 -15.14
CA GLN B 71 -39.23 9.51 -14.65
C GLN B 71 -37.73 9.25 -14.66
N VAL B 72 -37.31 8.03 -14.31
CA VAL B 72 -35.89 7.69 -14.46
C VAL B 72 -35.46 7.78 -15.92
N GLN B 73 -36.30 7.26 -16.84
CA GLN B 73 -35.98 7.37 -18.26
C GLN B 73 -35.88 8.83 -18.68
N ARG B 74 -36.76 9.68 -18.17
CA ARG B 74 -36.76 11.08 -18.54
C ARG B 74 -35.50 11.79 -18.03
N LEU B 75 -35.07 11.46 -16.81
CA LEU B 75 -33.82 12.01 -16.30
C LEU B 75 -32.66 11.67 -17.22
N ILE B 76 -32.54 10.39 -17.59
CA ILE B 76 -31.43 9.95 -18.42
C ILE B 76 -31.49 10.62 -19.79
N ALA B 77 -32.70 10.80 -20.33
CA ALA B 77 -32.83 11.31 -21.70
C ALA B 77 -32.72 12.84 -21.76
N GLU B 78 -33.31 13.54 -20.79
CA GLU B 78 -33.46 15.00 -20.85
C GLU B 78 -32.54 15.78 -19.93
N GLN B 79 -32.22 15.26 -18.74
CA GLN B 79 -31.31 15.93 -17.81
C GLN B 79 -30.21 14.97 -17.34
N PRO B 80 -29.43 14.42 -18.27
CA PRO B 80 -28.36 13.49 -17.84
C PRO B 80 -27.32 14.21 -17.01
N PRO B 81 -26.73 13.52 -16.03
CA PRO B 81 -25.71 14.18 -15.20
C PRO B 81 -24.49 14.55 -16.03
N HIS B 82 -23.76 15.54 -15.54
CA HIS B 82 -22.59 16.05 -16.23
C HIS B 82 -21.32 15.33 -15.76
N LEU B 83 -20.52 14.85 -16.70
CA LEU B 83 -19.26 14.25 -16.34
C LEU B 83 -18.30 15.29 -15.76
N THR B 84 -17.63 14.91 -14.70
CA THR B 84 -16.60 15.77 -14.14
C THR B 84 -15.47 15.97 -15.14
N PRO B 85 -14.96 17.19 -15.32
CA PRO B 85 -13.87 17.41 -16.28
C PRO B 85 -12.69 16.47 -16.06
N GLY B 86 -12.22 15.87 -17.16
CA GLY B 86 -11.07 15.00 -17.12
C GLY B 86 -11.38 13.53 -16.91
N ILE B 87 -12.60 13.16 -16.49
CA ILE B 87 -12.83 11.76 -16.15
C ILE B 87 -12.82 10.88 -17.40
N ARG B 88 -13.32 11.37 -18.54
CA ARG B 88 -13.29 10.56 -19.75
C ARG B 88 -11.86 10.18 -20.10
N GLU B 89 -10.98 11.17 -20.12
CA GLU B 89 -9.60 10.94 -20.51
C GLU B 89 -8.87 10.07 -19.49
N LEU B 90 -9.13 10.28 -18.20
CA LEU B 90 -8.47 9.45 -17.20
C LEU B 90 -8.90 8.00 -17.32
N VAL B 91 -10.20 7.74 -17.47
CA VAL B 91 -10.69 6.36 -17.59
C VAL B 91 -10.09 5.69 -18.81
N SER B 92 -10.13 6.36 -19.96
CA SER B 92 -9.62 5.73 -21.18
C SER B 92 -8.12 5.48 -21.10
N ARG B 93 -7.35 6.39 -20.49
CA ARG B 93 -5.92 6.13 -20.44
C ARG B 93 -5.59 5.01 -19.46
N LEU B 94 -6.36 4.86 -18.38
CA LEU B 94 -6.19 3.66 -17.56
C LEU B 94 -6.51 2.40 -18.34
N GLN B 95 -7.60 2.41 -19.10
CA GLN B 95 -7.99 1.23 -19.87
C GLN B 95 -6.92 0.88 -20.91
N GLU B 96 -6.28 1.90 -21.48
CA GLU B 96 -5.26 1.67 -22.51
C GLU B 96 -4.00 1.05 -21.92
N ARG B 97 -3.77 1.24 -20.62
CA ARG B 97 -2.70 0.57 -19.91
C ARG B 97 -3.18 -0.73 -19.26
N ASN B 98 -4.34 -1.24 -19.70
CA ASN B 98 -4.89 -2.52 -19.29
C ASN B 98 -5.19 -2.57 -17.79
N VAL B 99 -5.55 -1.42 -17.21
CA VAL B 99 -6.11 -1.37 -15.88
C VAL B 99 -7.61 -1.67 -15.99
N GLN B 100 -8.12 -2.53 -15.10
CA GLN B 100 -9.56 -2.75 -15.06
C GLN B 100 -10.22 -1.61 -14.30
N VAL B 101 -11.21 -0.95 -14.92
CA VAL B 101 -11.87 0.20 -14.32
C VAL B 101 -13.31 -0.14 -13.96
N PHE B 102 -13.70 0.16 -12.74
CA PHE B 102 -15.02 -0.16 -12.22
C PHE B 102 -15.69 1.11 -11.70
N LEU B 103 -17.03 1.09 -11.72
CA LEU B 103 -17.83 2.09 -11.01
C LEU B 103 -18.51 1.42 -9.83
N ILE B 104 -18.43 2.05 -8.65
CA ILE B 104 -19.08 1.53 -7.45
C ILE B 104 -19.90 2.65 -6.82
N SER B 105 -21.22 2.46 -6.71
CA SER B 105 -22.10 3.55 -6.34
C SER B 105 -23.22 3.09 -5.41
N GLY B 106 -23.56 3.93 -4.43
CA GLY B 106 -24.82 3.79 -3.72
C GLY B 106 -26.02 4.31 -4.49
N GLY B 107 -25.77 4.89 -5.68
CA GLY B 107 -26.82 5.28 -6.61
C GLY B 107 -27.33 4.08 -7.40
N PHE B 108 -27.98 4.38 -8.52
CA PHE B 108 -28.88 3.41 -9.15
C PHE B 108 -28.38 2.97 -10.50
N ARG B 109 -28.50 1.67 -10.75
CA ARG B 109 -27.88 1.04 -11.91
C ARG B 109 -28.34 1.67 -13.22
N SER B 110 -29.61 2.06 -13.31
CA SER B 110 -30.10 2.75 -14.50
C SER B 110 -29.23 3.96 -14.84
N ILE B 111 -29.02 4.84 -13.86
CA ILE B 111 -28.23 6.05 -14.07
C ILE B 111 -26.75 5.70 -14.23
N VAL B 112 -26.23 4.82 -13.37
CA VAL B 112 -24.80 4.52 -13.41
C VAL B 112 -24.42 3.80 -14.70
N GLU B 113 -25.30 2.92 -15.22
CA GLU B 113 -24.98 2.28 -16.50
C GLU B 113 -24.99 3.28 -17.65
N HIS B 114 -25.86 4.30 -17.58
CA HIS B 114 -25.78 5.39 -18.55
C HIS B 114 -24.43 6.08 -18.49
N VAL B 115 -23.98 6.41 -17.28
CA VAL B 115 -22.68 7.04 -17.10
C VAL B 115 -21.56 6.14 -17.64
N ALA B 116 -21.60 4.85 -17.26
CA ALA B 116 -20.58 3.92 -17.72
C ALA B 116 -20.51 3.86 -19.24
N SER B 117 -21.67 3.89 -19.91
CA SER B 117 -21.71 3.87 -21.37
C SER B 117 -20.90 5.02 -21.96
N LYS B 118 -20.91 6.18 -21.30
CA LYS B 118 -20.18 7.36 -21.77
C LYS B 118 -18.68 7.25 -21.54
N LEU B 119 -18.24 6.30 -20.73
CA LEU B 119 -16.84 6.09 -20.36
C LEU B 119 -16.27 4.80 -20.90
N ASN B 120 -17.03 4.07 -21.73
CA ASN B 120 -16.58 2.77 -22.25
C ASN B 120 -16.30 1.78 -21.12
N ILE B 121 -17.03 1.87 -20.03
CA ILE B 121 -16.94 0.92 -18.92
C ILE B 121 -18.06 -0.10 -19.08
N PRO B 122 -17.76 -1.39 -19.18
CA PRO B 122 -18.82 -2.37 -19.39
C PRO B 122 -19.73 -2.46 -18.18
N ALA B 123 -21.01 -2.77 -18.45
CA ALA B 123 -22.00 -2.90 -17.38
C ALA B 123 -21.58 -3.96 -16.36
N THR B 124 -20.77 -4.95 -16.78
CA THR B 124 -20.26 -5.96 -15.88
C THR B 124 -19.33 -5.39 -14.81
N ASN B 125 -18.82 -4.17 -15.03
CA ASN B 125 -17.90 -3.50 -14.12
C ASN B 125 -18.60 -2.41 -13.33
N VAL B 126 -19.93 -2.39 -13.37
CA VAL B 126 -20.74 -1.45 -12.60
C VAL B 126 -21.35 -2.19 -11.42
N PHE B 127 -21.17 -1.63 -10.21
CA PHE B 127 -21.79 -2.16 -9.01
C PHE B 127 -22.59 -1.03 -8.36
N ALA B 128 -23.88 -1.24 -8.20
CA ALA B 128 -24.78 -0.17 -7.79
C ALA B 128 -26.06 -0.76 -7.23
N ASN B 129 -26.83 0.10 -6.57
CA ASN B 129 -28.17 -0.27 -6.15
C ASN B 129 -29.08 -0.36 -7.40
N ARG B 130 -30.20 -1.05 -7.25
CA ARG B 130 -31.14 -1.27 -8.35
C ARG B 130 -32.55 -0.94 -7.89
N LEU B 131 -33.20 -0.05 -8.61
CA LEU B 131 -34.60 0.26 -8.32
C LEU B 131 -35.51 -0.84 -8.86
N LYS B 132 -36.64 -1.02 -8.21
CA LYS B 132 -37.67 -1.95 -8.65
C LYS B 132 -38.90 -1.17 -9.10
N PHE B 133 -39.60 -1.69 -10.11
CA PHE B 133 -40.77 -1.03 -10.67
C PHE B 133 -41.89 -2.05 -10.90
N TYR B 134 -43.13 -1.62 -10.68
CA TYR B 134 -44.25 -2.48 -11.02
C TYR B 134 -44.46 -2.48 -12.53
N PHE B 135 -45.39 -3.32 -12.99
CA PHE B 135 -45.62 -3.47 -14.42
C PHE B 135 -45.90 -2.12 -15.08
N ASN B 136 -46.67 -1.25 -14.42
CA ASN B 136 -47.04 0.06 -14.93
C ASN B 136 -45.96 1.12 -14.71
N GLY B 137 -44.82 0.75 -14.13
CA GLY B 137 -43.72 1.68 -13.94
C GLY B 137 -43.62 2.28 -12.55
N GLU B 138 -44.64 2.12 -11.72
CA GLU B 138 -44.63 2.72 -10.39
C GLU B 138 -43.47 2.21 -9.55
N TYR B 139 -42.91 3.11 -8.73
CA TYR B 139 -41.84 2.73 -7.82
C TYR B 139 -42.26 1.55 -6.95
N ALA B 140 -41.40 0.54 -6.87
CA ALA B 140 -41.68 -0.68 -6.13
C ALA B 140 -40.62 -1.04 -5.11
N GLY B 141 -39.64 -0.17 -4.86
CA GLY B 141 -38.58 -0.45 -3.92
C GLY B 141 -37.22 -0.55 -4.59
N PHE B 142 -36.31 -1.22 -3.90
CA PHE B 142 -34.95 -1.42 -4.40
C PHE B 142 -34.44 -2.77 -3.92
N ASP B 143 -33.35 -3.23 -4.54
CA ASP B 143 -32.80 -4.55 -4.26
C ASP B 143 -31.96 -4.47 -3.00
N GLU B 144 -32.55 -4.85 -1.86
CA GLU B 144 -31.85 -4.72 -0.59
C GLU B 144 -30.74 -5.76 -0.40
N THR B 145 -30.57 -6.72 -1.31
CA THR B 145 -29.47 -7.65 -1.21
C THR B 145 -28.16 -7.11 -1.75
N GLN B 146 -28.17 -5.94 -2.39
CA GLN B 146 -26.96 -5.39 -2.96
C GLN B 146 -26.01 -4.93 -1.86
N PRO B 147 -24.71 -5.22 -1.98
CA PRO B 147 -23.77 -4.70 -0.96
C PRO B 147 -23.81 -3.19 -0.86
N THR B 148 -24.01 -2.48 -1.98
CA THR B 148 -24.06 -1.03 -1.94
C THR B 148 -25.33 -0.50 -1.27
N ALA B 149 -26.26 -1.37 -0.87
CA ALA B 149 -27.40 -0.97 -0.06
C ALA B 149 -27.10 -0.95 1.42
N GLU B 150 -26.00 -1.56 1.85
CA GLU B 150 -25.63 -1.65 3.25
C GLU B 150 -24.46 -0.73 3.56
N SER B 151 -24.25 -0.51 4.86
CA SER B 151 -23.08 0.25 5.29
C SER B 151 -21.82 -0.57 5.03
N GLY B 152 -20.75 0.13 4.67
CA GLY B 152 -19.52 -0.55 4.30
C GLY B 152 -19.60 -1.31 2.99
N GLY B 153 -20.62 -1.03 2.19
CA GLY B 153 -20.86 -1.81 0.98
C GLY B 153 -19.77 -1.71 -0.06
N LYS B 154 -19.12 -0.56 -0.16
CA LYS B 154 -18.07 -0.43 -1.18
C LYS B 154 -16.84 -1.27 -0.82
N GLY B 155 -16.46 -1.30 0.47
CA GLY B 155 -15.42 -2.22 0.88
C GLY B 155 -15.80 -3.67 0.60
N LYS B 156 -17.08 -3.99 0.75
CA LYS B 156 -17.58 -5.33 0.45
C LYS B 156 -17.42 -5.64 -1.02
N VAL B 157 -17.75 -4.68 -1.89
CA VAL B 157 -17.56 -4.91 -3.32
C VAL B 157 -16.10 -5.14 -3.64
N ILE B 158 -15.22 -4.33 -3.05
CA ILE B 158 -13.79 -4.50 -3.36
C ILE B 158 -13.27 -5.82 -2.82
N LYS B 159 -13.76 -6.26 -1.66
CA LYS B 159 -13.43 -7.58 -1.17
C LYS B 159 -13.84 -8.66 -2.16
N LEU B 160 -15.06 -8.56 -2.69
CA LEU B 160 -15.54 -9.53 -3.67
C LEU B 160 -14.71 -9.48 -4.95
N LEU B 161 -14.27 -8.28 -5.36
CA LEU B 161 -13.46 -8.17 -6.57
C LEU B 161 -12.08 -8.81 -6.37
N LYS B 162 -11.45 -8.57 -5.22
CA LYS B 162 -10.18 -9.22 -4.92
C LYS B 162 -10.33 -10.73 -4.87
N GLU B 163 -11.44 -11.22 -4.31
CA GLU B 163 -11.65 -12.66 -4.22
C GLU B 163 -11.77 -13.31 -5.59
N LYS B 164 -12.40 -12.62 -6.54
CA LYS B 164 -12.73 -13.23 -7.82
C LYS B 164 -11.63 -13.01 -8.85
N PHE B 165 -11.14 -11.79 -8.98
CA PHE B 165 -10.15 -11.43 -9.99
C PHE B 165 -8.72 -11.48 -9.48
N HIS B 166 -8.52 -11.58 -8.17
CA HIS B 166 -7.21 -11.66 -7.53
C HIS B 166 -6.34 -10.44 -7.81
N PHE B 167 -6.96 -9.26 -7.89
CA PHE B 167 -6.19 -8.04 -8.06
C PHE B 167 -5.21 -7.85 -6.92
N LYS B 168 -4.01 -7.37 -7.25
CA LYS B 168 -2.96 -7.13 -6.28
C LYS B 168 -2.79 -5.65 -5.92
N LYS B 169 -3.37 -4.73 -6.70
CA LYS B 169 -3.17 -3.31 -6.40
C LYS B 169 -4.42 -2.56 -6.90
N ILE B 170 -5.44 -2.51 -6.05
CA ILE B 170 -6.71 -1.85 -6.36
C ILE B 170 -6.74 -0.48 -5.69
N ILE B 171 -7.09 0.54 -6.47
CA ILE B 171 -7.25 1.90 -5.96
C ILE B 171 -8.74 2.23 -5.94
N MET B 172 -9.19 2.82 -4.84
CA MET B 172 -10.53 3.38 -4.73
C MET B 172 -10.43 4.90 -4.79
N ILE B 173 -11.28 5.54 -5.61
CA ILE B 173 -11.26 7.00 -5.75
C ILE B 173 -12.66 7.53 -5.51
N GLY B 174 -12.80 8.44 -4.54
CA GLY B 174 -14.13 8.99 -4.29
C GLY B 174 -14.09 10.15 -3.32
N ASP B 175 -15.26 10.78 -3.16
CA ASP B 175 -15.33 11.98 -2.34
C ASP B 175 -15.69 11.70 -0.89
N GLY B 176 -16.21 10.52 -0.55
CA GLY B 176 -16.95 10.32 0.68
C GLY B 176 -16.34 9.33 1.65
N ALA B 177 -16.99 9.26 2.82
CA ALA B 177 -16.61 8.32 3.87
C ALA B 177 -16.77 6.87 3.43
N THR B 178 -17.83 6.57 2.68
CA THR B 178 -18.04 5.21 2.21
C THR B 178 -16.96 4.81 1.23
N ASP B 179 -16.35 5.78 0.54
CA ASP B 179 -15.23 5.47 -0.33
C ASP B 179 -13.94 5.27 0.45
N MET B 180 -13.64 6.17 1.40
CA MET B 180 -12.40 6.04 2.17
C MET B 180 -12.38 4.75 2.98
N GLU B 181 -13.55 4.34 3.45
CA GLU B 181 -13.72 3.09 4.21
C GLU B 181 -13.29 1.87 3.43
N ALA B 182 -13.27 1.95 2.09
CA ALA B 182 -13.00 0.81 1.26
C ALA B 182 -11.51 0.49 1.18
N CYS B 183 -10.67 1.27 1.86
CA CYS B 183 -9.22 1.06 1.87
C CYS B 183 -8.74 0.99 3.30
N PRO B 184 -8.28 -0.19 3.78
CA PRO B 184 -8.39 -1.42 3.00
C PRO B 184 -9.84 -1.90 3.03
N PRO B 185 -10.18 -2.96 2.29
CA PRO B 185 -9.42 -3.90 1.45
C PRO B 185 -8.69 -3.33 0.24
N ALA B 186 -9.09 -2.14 -0.24
CA ALA B 186 -8.34 -1.56 -1.36
C ALA B 186 -6.92 -1.24 -0.94
N ASP B 187 -6.02 -1.24 -1.91
CA ASP B 187 -4.62 -0.99 -1.58
C ASP B 187 -4.29 0.49 -1.49
N ALA B 188 -5.09 1.35 -2.13
CA ALA B 188 -4.89 2.78 -2.01
C ALA B 188 -6.25 3.45 -2.12
N PHE B 189 -6.35 4.61 -1.49
CA PHE B 189 -7.51 5.48 -1.59
C PHE B 189 -7.05 6.85 -2.02
N ILE B 190 -7.75 7.44 -2.98
CA ILE B 190 -7.51 8.82 -3.39
C ILE B 190 -8.81 9.57 -3.21
N GLY B 191 -8.81 10.55 -2.31
CA GLY B 191 -9.99 11.37 -2.12
C GLY B 191 -10.15 12.37 -3.23
N PHE B 192 -11.40 12.67 -3.58
CA PHE B 192 -11.68 13.59 -4.67
C PHE B 192 -12.61 14.70 -4.22
N GLY B 193 -12.12 15.93 -4.30
CA GLY B 193 -12.89 17.10 -3.84
C GLY B 193 -13.19 18.11 -4.92
N GLY B 194 -13.24 17.69 -6.19
CA GLY B 194 -13.60 18.60 -7.26
C GLY B 194 -15.02 19.12 -7.17
N ASN B 195 -15.92 18.36 -6.56
CA ASN B 195 -17.33 18.72 -6.48
C ASN B 195 -17.82 18.90 -5.07
N VAL B 196 -17.44 18.01 -4.16
CA VAL B 196 -17.83 18.05 -2.77
C VAL B 196 -16.57 17.82 -1.94
N ILE B 197 -16.31 18.72 -0.98
CA ILE B 197 -15.22 18.54 -0.02
C ILE B 197 -15.84 18.13 1.30
N ARG B 198 -15.51 16.93 1.75
CA ARG B 198 -15.92 16.41 3.04
C ARG B 198 -14.73 16.53 3.98
N GLN B 199 -14.90 17.32 5.05
CA GLN B 199 -13.76 17.71 5.86
C GLN B 199 -13.01 16.50 6.41
N GLN B 200 -13.73 15.47 6.83
CA GLN B 200 -13.03 14.34 7.45
C GLN B 200 -12.24 13.55 6.42
N VAL B 201 -12.68 13.53 5.17
CA VAL B 201 -11.88 12.86 4.15
C VAL B 201 -10.66 13.70 3.81
N LYS B 202 -10.87 14.99 3.55
CA LYS B 202 -9.76 15.89 3.23
C LYS B 202 -8.72 15.91 4.34
N ASP B 203 -9.16 15.85 5.61
CA ASP B 203 -8.26 15.99 6.75
C ASP B 203 -7.47 14.72 7.04
N ASN B 204 -7.89 13.57 6.52
CA ASN B 204 -7.32 12.30 6.97
C ASN B 204 -6.82 11.38 5.86
N ALA B 205 -7.17 11.61 4.60
CA ALA B 205 -6.64 10.82 3.49
C ALA B 205 -5.28 11.37 3.07
N LYS B 206 -4.27 10.48 3.02
CA LYS B 206 -2.96 10.92 2.54
C LYS B 206 -3.05 11.47 1.12
N TRP B 207 -3.81 10.83 0.25
CA TRP B 207 -3.96 11.25 -1.14
C TRP B 207 -5.32 11.93 -1.31
N TYR B 208 -5.29 13.18 -1.75
CA TYR B 208 -6.51 13.97 -1.91
C TYR B 208 -6.29 14.97 -3.03
N ILE B 209 -7.13 14.91 -4.05
CA ILE B 209 -6.97 15.75 -5.24
C ILE B 209 -8.32 16.40 -5.51
N THR B 210 -8.29 17.44 -6.34
CA THR B 210 -9.50 18.14 -6.72
C THR B 210 -9.70 18.28 -8.22
N ASP B 211 -8.83 17.71 -9.05
CA ASP B 211 -8.89 17.95 -10.49
C ASP B 211 -8.34 16.72 -11.24
N PHE B 212 -9.21 16.07 -12.01
CA PHE B 212 -8.78 14.91 -12.81
C PHE B 212 -7.92 15.34 -14.00
N VAL B 213 -8.13 16.54 -14.54
CA VAL B 213 -7.33 16.97 -15.68
C VAL B 213 -5.87 17.12 -15.27
N GLU B 214 -5.63 17.70 -14.09
CA GLU B 214 -4.27 17.83 -13.59
C GLU B 214 -3.67 16.46 -13.25
N LEU B 215 -4.46 15.57 -12.65
CA LEU B 215 -3.94 14.24 -12.33
C LEU B 215 -3.47 13.52 -13.59
N LEU B 216 -4.23 13.62 -14.67
CA LEU B 216 -3.81 12.95 -15.89
C LEU B 216 -2.55 13.58 -16.45
N GLY B 217 -2.43 14.91 -16.33
CA GLY B 217 -1.31 15.64 -16.91
C GLY B 217 -0.01 15.47 -16.16
#